data_4UV4
#
_entry.id   4UV4
#
_cell.length_a   128.350
_cell.length_b   128.350
_cell.length_c   90.601
_cell.angle_alpha   90.00
_cell.angle_beta   90.00
_cell.angle_gamma   120.00
#
_symmetry.space_group_name_H-M   'P 31 2 1'
#
loop_
_entity.id
_entity.type
_entity.pdbx_description
1 polymer 'FPRO0165 FAB'
2 polymer 'FPRO0165 FAB'
#
loop_
_entity_poly.entity_id
_entity_poly.type
_entity_poly.pdbx_seq_one_letter_code
_entity_poly.pdbx_strand_id
1 'polypeptide(L)'
;EVQLVESGGGLVKPGGSLRLSCAASGFTFSNAWMNWVRQAPGKGLEWVGRVKSKTDGGAADYAAPVKGRFTISRDDSKNT
LYLQMNSLKTEDTAVYYCTTDQLGYDFWNGYYTDTLYYYFGMDVWGPGTTVTVSSASTKGPSVFPLAPSSKSTSGGTAAL
GCLVKDYFPEPVTVSWNSGALTSGVHTFPAVLQSSGLYSLSSVVTVPSSSLGTQTYICNVNHKPSNTKVDKKVEPKSCDK
THT
;
H
2 'polypeptide(L)'
;DIVMTQSPLSLPVTPGEPASISCRSSQPLLAMDGHNYLDWYLQKPGQSPQVLIYQSKWRASGVPDRFSGSGSGTDFTLKI
SRVEAEDVGVYYCMQALQTPLTFGGGTKVEIKRTVAAPSVFIFPPSDEQLKSGTASVVCLLNNFYPREAKVQWKVDNALQ
SGNSQESVTEQDSKDSTYSLSSTLTLSKADYEKHKVYACEVTHQGLSSPVTKSFNRGEC
;
L
#
# COMPACT_ATOMS: atom_id res chain seq x y z
N GLU A 1 17.50 9.35 -8.82
CA GLU A 1 18.92 9.26 -8.44
C GLU A 1 19.27 7.81 -8.10
N VAL A 2 18.99 7.41 -6.85
CA VAL A 2 19.19 6.06 -6.34
C VAL A 2 17.85 5.35 -6.41
N GLN A 3 17.79 4.21 -7.11
CA GLN A 3 16.52 3.48 -7.26
C GLN A 3 16.69 1.98 -7.45
N LEU A 4 15.64 1.23 -7.07
CA LEU A 4 15.56 -0.20 -7.27
C LEU A 4 14.22 -0.45 -7.95
N VAL A 5 14.20 -1.28 -8.98
CA VAL A 5 12.96 -1.58 -9.68
C VAL A 5 12.84 -3.08 -9.84
N GLU A 6 11.80 -3.65 -9.24
CA GLU A 6 11.57 -5.07 -9.31
C GLU A 6 10.48 -5.40 -10.29
N SER A 7 10.61 -6.55 -10.94
CA SER A 7 9.67 -7.02 -11.93
C SER A 7 9.66 -8.53 -11.90
N GLY A 8 8.66 -9.10 -12.57
CA GLY A 8 8.54 -10.55 -12.64
C GLY A 8 7.34 -11.10 -11.92
N GLY A 9 6.67 -10.26 -11.13
CA GLY A 9 5.49 -10.68 -10.39
C GLY A 9 4.36 -11.06 -11.31
N GLY A 10 3.55 -12.01 -10.86
CA GLY A 10 2.42 -12.48 -11.64
C GLY A 10 1.71 -13.65 -10.97
N LEU A 11 0.75 -14.25 -11.69
CA LEU A 11 0.03 -15.41 -11.15
C LEU A 11 0.77 -16.68 -11.42
N VAL A 12 0.87 -17.52 -10.39
CA VAL A 12 1.53 -18.80 -10.50
C VAL A 12 0.76 -19.85 -9.78
N LYS A 13 0.74 -21.06 -10.35
CA LYS A 13 0.03 -22.17 -9.76
C LYS A 13 0.78 -22.70 -8.55
N PRO A 14 0.07 -23.16 -7.51
CA PRO A 14 0.77 -23.78 -6.37
C PRO A 14 1.69 -24.89 -6.87
N GLY A 15 2.88 -24.98 -6.29
CA GLY A 15 3.90 -25.94 -6.68
C GLY A 15 4.75 -25.45 -7.83
N GLY A 16 4.37 -24.32 -8.42
CA GLY A 16 5.08 -23.70 -9.54
C GLY A 16 6.32 -22.95 -9.15
N SER A 17 6.93 -22.28 -10.13
CA SER A 17 8.13 -21.50 -9.91
C SER A 17 8.02 -20.14 -10.59
N LEU A 18 8.76 -19.15 -10.07
CA LEU A 18 8.75 -17.80 -10.60
C LEU A 18 10.05 -17.12 -10.23
N ARG A 19 10.59 -16.31 -11.13
CA ARG A 19 11.83 -15.60 -10.89
C ARG A 19 11.60 -14.11 -10.94
N LEU A 20 11.98 -13.44 -9.85
CA LEU A 20 11.83 -11.99 -9.76
C LEU A 20 13.14 -11.33 -10.04
N SER A 21 13.09 -10.14 -10.64
CA SER A 21 14.27 -9.36 -10.98
C SER A 21 14.18 -8.01 -10.31
N CYS A 22 15.33 -7.49 -9.89
CA CYS A 22 15.45 -6.19 -9.23
C CYS A 22 16.61 -5.45 -9.87
N ALA A 23 16.33 -4.36 -10.62
CA ALA A 23 17.37 -3.59 -11.27
C ALA A 23 17.72 -2.36 -10.49
N ALA A 24 19.01 -2.20 -10.20
CA ALA A 24 19.51 -1.07 -9.46
C ALA A 24 20.15 -0.04 -10.36
N SER A 25 20.13 1.22 -9.92
CA SER A 25 20.71 2.35 -10.64
C SER A 25 21.01 3.49 -9.68
N GLY A 26 22.01 4.30 -10.02
CA GLY A 26 22.39 5.44 -9.19
C GLY A 26 23.42 5.19 -8.13
N PHE A 27 23.92 3.94 -8.03
CA PHE A 27 24.94 3.61 -7.05
C PHE A 27 25.73 2.39 -7.44
N THR A 28 26.89 2.20 -6.80
CA THR A 28 27.76 1.05 -7.07
C THR A 28 27.15 -0.19 -6.47
N PHE A 29 26.44 -0.92 -7.32
CA PHE A 29 25.74 -2.14 -6.99
C PHE A 29 26.60 -3.19 -6.31
N SER A 30 27.72 -3.54 -6.97
CA SER A 30 28.67 -4.55 -6.52
C SER A 30 29.19 -4.35 -5.10
N ASN A 31 29.11 -3.12 -4.59
CA ASN A 31 29.62 -2.79 -3.26
C ASN A 31 28.67 -3.08 -2.11
N ALA A 32 27.37 -3.32 -2.40
CA ALA A 32 26.39 -3.49 -1.33
C ALA A 32 25.79 -4.85 -1.18
N TRP A 33 25.35 -5.13 0.05
CA TRP A 33 24.61 -6.32 0.43
C TRP A 33 23.13 -5.98 0.07
N MET A 34 22.31 -6.99 -0.25
CA MET A 34 20.91 -6.73 -0.65
C MET A 34 19.93 -7.69 0.00
N ASN A 35 18.66 -7.26 0.18
CA ASN A 35 17.61 -8.12 0.73
C ASN A 35 16.38 -8.20 -0.14
N TRP A 36 15.57 -9.21 0.14
CA TRP A 36 14.25 -9.40 -0.46
C TRP A 36 13.35 -9.44 0.75
N VAL A 37 12.27 -8.67 0.72
CA VAL A 37 11.28 -8.65 1.81
C VAL A 37 9.93 -8.78 1.14
N ARG A 38 8.93 -9.22 1.88
CA ARG A 38 7.60 -9.40 1.32
C ARG A 38 6.52 -8.99 2.29
N GLN A 39 5.35 -8.63 1.76
CA GLN A 39 4.24 -8.22 2.58
C GLN A 39 2.92 -8.80 2.02
N ALA A 40 2.34 -9.76 2.78
CA ALA A 40 1.09 -10.40 2.41
C ALA A 40 -0.06 -9.39 2.60
N PRO A 41 -1.19 -9.58 1.85
CA PRO A 41 -2.30 -8.63 1.93
C PRO A 41 -2.70 -8.31 3.36
N GLY A 42 -2.72 -7.02 3.71
CA GLY A 42 -3.07 -6.54 5.04
C GLY A 42 -2.27 -7.12 6.20
N LYS A 43 -0.98 -7.45 5.95
CA LYS A 43 -0.13 -8.00 7.01
C LYS A 43 1.17 -7.24 7.12
N GLY A 44 1.98 -7.59 8.10
CA GLY A 44 3.25 -6.92 8.33
C GLY A 44 4.35 -7.35 7.37
N LEU A 45 5.40 -6.55 7.29
CA LEU A 45 6.56 -6.87 6.46
C LEU A 45 7.29 -8.14 7.00
N GLU A 46 7.76 -9.02 6.10
CA GLU A 46 8.50 -10.22 6.44
C GLU A 46 9.80 -10.32 5.60
N TRP A 47 10.94 -10.47 6.28
CA TRP A 47 12.21 -10.59 5.57
C TRP A 47 12.30 -11.93 4.88
N VAL A 48 12.72 -11.93 3.62
CA VAL A 48 12.85 -13.16 2.85
C VAL A 48 14.27 -13.71 2.91
N GLY A 49 15.25 -12.86 2.67
CA GLY A 49 16.65 -13.24 2.67
C GLY A 49 17.60 -12.15 2.23
N ARG A 50 18.93 -12.37 2.37
CA ARG A 50 20.00 -11.43 2.00
C ARG A 50 21.07 -12.14 1.16
N VAL A 51 21.87 -11.36 0.42
CA VAL A 51 22.98 -11.82 -0.39
C VAL A 51 24.11 -10.83 -0.19
N LYS A 52 25.29 -11.33 0.18
CA LYS A 52 26.45 -10.49 0.40
C LYS A 52 27.09 -10.06 -0.91
N SER A 53 27.97 -9.06 -0.84
CA SER A 53 28.70 -8.57 -2.00
C SER A 53 29.77 -9.61 -2.36
N LYS A 54 30.20 -9.62 -3.63
CA LYS A 54 31.23 -10.54 -4.12
C LYS A 54 32.46 -10.51 -3.21
N THR A 55 32.88 -9.30 -2.81
CA THR A 55 34.02 -9.09 -1.93
C THR A 55 33.87 -9.78 -0.56
N ASP A 56 32.63 -9.95 -0.09
CA ASP A 56 32.40 -10.59 1.20
C ASP A 56 31.98 -12.04 1.04
N GLY A 57 32.16 -12.58 -0.17
CA GLY A 57 31.83 -13.97 -0.44
C GLY A 57 30.63 -14.21 -1.34
N GLY A 58 29.72 -13.25 -1.41
CA GLY A 58 28.51 -13.40 -2.23
C GLY A 58 27.57 -14.49 -1.76
N ALA A 59 27.67 -14.87 -0.47
CA ALA A 59 26.85 -15.89 0.16
C ALA A 59 25.47 -15.39 0.56
N ALA A 60 24.54 -16.31 0.86
CA ALA A 60 23.16 -15.97 1.17
C ALA A 60 22.68 -16.44 2.51
N ASP A 61 21.60 -15.80 3.01
CA ASP A 61 20.91 -16.14 4.26
C ASP A 61 19.42 -16.12 3.92
N TYR A 62 18.65 -17.06 4.46
CA TYR A 62 17.22 -17.15 4.16
C TYR A 62 16.37 -17.29 5.41
N ALA A 63 15.14 -16.75 5.34
CA ALA A 63 14.15 -16.93 6.41
C ALA A 63 13.81 -18.42 6.42
N ALA A 64 13.56 -18.99 7.60
CA ALA A 64 13.19 -20.40 7.72
C ALA A 64 11.96 -20.74 6.84
N PRO A 65 10.94 -19.85 6.67
CA PRO A 65 9.79 -20.21 5.83
C PRO A 65 10.08 -20.37 4.35
N VAL A 66 11.27 -20.00 3.87
CA VAL A 66 11.57 -20.09 2.44
C VAL A 66 12.84 -20.86 2.11
N LYS A 67 13.74 -21.03 3.09
CA LYS A 67 15.02 -21.71 2.87
C LYS A 67 14.81 -23.07 2.24
N GLY A 68 15.54 -23.34 1.15
CA GLY A 68 15.43 -24.61 0.44
C GLY A 68 14.58 -24.51 -0.80
N ARG A 69 13.62 -23.60 -0.80
CA ARG A 69 12.72 -23.37 -1.94
C ARG A 69 13.09 -22.11 -2.75
N PHE A 70 13.60 -21.07 -2.07
CA PHE A 70 13.97 -19.81 -2.67
C PHE A 70 15.47 -19.66 -2.80
N THR A 71 15.91 -19.10 -3.92
CA THR A 71 17.33 -18.91 -4.17
C THR A 71 17.60 -17.47 -4.57
N ILE A 72 18.52 -16.80 -3.86
CA ILE A 72 18.89 -15.43 -4.16
C ILE A 72 20.24 -15.42 -4.86
N SER A 73 20.36 -14.63 -5.92
CA SER A 73 21.58 -14.49 -6.68
C SER A 73 21.67 -13.08 -7.25
N ARG A 74 22.87 -12.67 -7.61
CA ARG A 74 23.08 -11.36 -8.17
C ARG A 74 23.95 -11.41 -9.42
N ASP A 75 23.84 -10.40 -10.26
CA ASP A 75 24.67 -10.26 -11.46
C ASP A 75 25.16 -8.84 -11.46
N ASP A 76 26.33 -8.62 -10.85
CA ASP A 76 26.91 -7.29 -10.75
C ASP A 76 27.13 -6.61 -12.08
N SER A 77 27.38 -7.40 -13.16
CA SER A 77 27.59 -6.84 -14.51
C SER A 77 26.30 -6.25 -15.10
N LYS A 78 25.15 -6.67 -14.56
CA LYS A 78 23.86 -6.19 -15.02
C LYS A 78 23.17 -5.32 -13.98
N ASN A 79 23.82 -5.11 -12.79
CA ASN A 79 23.25 -4.36 -11.67
C ASN A 79 21.89 -4.98 -11.32
N THR A 80 21.79 -6.31 -11.44
CA THR A 80 20.55 -7.03 -11.20
C THR A 80 20.63 -8.03 -10.05
N LEU A 81 19.55 -8.08 -9.27
CA LEU A 81 19.36 -8.99 -8.14
C LEU A 81 18.23 -9.91 -8.52
N TYR A 82 18.34 -11.17 -8.18
CA TYR A 82 17.33 -12.16 -8.51
C TYR A 82 16.78 -12.91 -7.31
N LEU A 83 15.56 -13.39 -7.46
CA LEU A 83 14.91 -14.23 -6.49
C LEU A 83 14.25 -15.36 -7.25
N GLN A 84 14.84 -16.54 -7.18
CA GLN A 84 14.32 -17.72 -7.84
C GLN A 84 13.45 -18.41 -6.82
N MET A 85 12.15 -18.50 -7.12
CA MET A 85 11.18 -19.13 -6.24
C MET A 85 10.68 -20.43 -6.83
N ASN A 86 10.86 -21.51 -6.10
CA ASN A 86 10.42 -22.83 -6.51
C ASN A 86 9.50 -23.39 -5.44
N SER A 87 8.73 -24.47 -5.80
CA SER A 87 7.84 -25.12 -4.84
C SER A 87 6.92 -24.08 -4.16
N LEU A 88 6.44 -23.11 -4.95
CA LEU A 88 5.58 -22.05 -4.44
C LEU A 88 4.34 -22.57 -3.74
N LYS A 89 3.99 -21.90 -2.63
CA LYS A 89 2.82 -22.23 -1.82
C LYS A 89 1.91 -21.01 -1.82
N THR A 90 0.60 -21.23 -1.66
CA THR A 90 -0.38 -20.16 -1.61
C THR A 90 0.04 -19.06 -0.59
N GLU A 91 0.62 -19.49 0.57
CA GLU A 91 1.08 -18.57 1.63
C GLU A 91 2.29 -17.74 1.21
N ASP A 92 2.84 -17.99 0.01
CA ASP A 92 3.96 -17.20 -0.50
C ASP A 92 3.42 -15.98 -1.21
N THR A 93 2.09 -15.88 -1.33
CA THR A 93 1.45 -14.74 -1.98
C THR A 93 1.78 -13.50 -1.21
N ALA A 94 2.28 -12.49 -1.90
CA ALA A 94 2.61 -11.21 -1.29
C ALA A 94 3.23 -10.25 -2.28
N VAL A 95 3.44 -9.01 -1.83
CA VAL A 95 4.11 -7.99 -2.61
C VAL A 95 5.59 -8.10 -2.21
N TYR A 96 6.46 -8.40 -3.16
CA TYR A 96 7.88 -8.59 -2.89
C TYR A 96 8.69 -7.34 -3.25
N TYR A 97 9.52 -6.85 -2.31
CA TYR A 97 10.40 -5.70 -2.55
C TYR A 97 11.86 -6.08 -2.30
N CYS A 98 12.78 -5.41 -3.05
CA CYS A 98 14.21 -5.58 -2.86
C CYS A 98 14.68 -4.36 -2.16
N THR A 99 15.68 -4.53 -1.29
CA THR A 99 16.21 -3.41 -0.51
C THR A 99 17.69 -3.52 -0.44
N THR A 100 18.33 -2.41 -0.16
CA THR A 100 19.77 -2.47 0.07
C THR A 100 20.18 -2.83 1.61
N ASP A 101 21.46 -3.16 1.77
CA ASP A 101 21.93 -3.51 3.07
C ASP A 101 23.27 -2.85 3.39
N GLN A 102 24.04 -3.48 4.31
CA GLN A 102 25.35 -3.02 4.76
C GLN A 102 26.24 -2.77 3.53
N LEU A 103 26.41 -1.48 3.21
CA LEU A 103 27.21 -1.00 2.10
C LEU A 103 28.71 -1.01 2.55
N GLY A 104 29.61 -1.45 1.65
CA GLY A 104 31.03 -1.56 1.94
C GLY A 104 31.94 -1.04 0.85
N TYR A 105 32.93 -0.23 1.26
CA TYR A 105 33.95 0.39 0.41
C TYR A 105 35.35 -0.10 0.80
N ASP A 106 36.17 -0.26 -0.23
CA ASP A 106 37.56 -0.66 -0.05
C ASP A 106 38.43 0.55 -0.22
N PHE A 107 39.16 0.88 0.85
CA PHE A 107 40.10 2.00 0.93
C PHE A 107 41.45 1.56 1.46
N TRP A 108 42.51 2.10 0.83
CA TRP A 108 43.89 1.86 1.20
C TRP A 108 44.45 3.12 1.82
N ASN A 109 44.85 3.00 3.08
CA ASN A 109 45.52 4.04 3.85
C ASN A 109 46.96 4.00 3.35
N GLY A 110 47.65 5.13 3.42
CA GLY A 110 49.04 5.28 2.98
C GLY A 110 49.97 4.11 3.26
N TYR A 111 49.71 3.32 4.34
CA TYR A 111 50.49 2.15 4.71
C TYR A 111 50.16 1.01 3.80
N TYR A 112 49.55 -0.08 4.30
CA TYR A 112 49.28 -1.16 3.38
C TYR A 112 47.88 -1.72 3.49
N THR A 113 47.54 -2.47 4.58
CA THR A 113 46.21 -3.06 4.77
C THR A 113 45.13 -2.13 4.18
N ASP A 114 44.56 -2.53 3.03
CA ASP A 114 43.52 -1.80 2.32
C ASP A 114 42.25 -2.23 3.02
N THR A 115 41.73 -1.42 3.97
CA THR A 115 40.52 -1.80 4.70
C THR A 115 39.29 -1.78 3.84
N LEU A 116 38.42 -2.68 4.19
CA LEU A 116 37.12 -2.92 3.63
C LEU A 116 36.24 -2.48 4.78
N TYR A 117 35.66 -1.28 4.69
CA TYR A 117 34.87 -0.85 5.83
C TYR A 117 33.39 -0.69 5.49
N TYR A 118 32.54 -0.90 6.51
CA TYR A 118 31.11 -1.01 6.37
C TYR A 118 30.29 0.12 6.92
N TYR A 119 29.15 0.36 6.25
CA TYR A 119 28.17 1.38 6.58
C TYR A 119 26.70 0.88 6.52
N PHE A 120 25.73 1.72 7.24
CA PHE A 120 24.32 1.36 7.37
C PHE A 120 23.27 2.54 7.07
N GLY A 121 22.06 2.26 6.51
CA GLY A 121 21.59 0.93 6.06
C GLY A 121 20.12 0.54 6.04
N MET A 122 19.79 -0.37 5.04
CA MET A 122 18.47 -0.93 4.59
C MET A 122 17.50 0.23 4.30
N ASP A 123 18.03 0.99 3.39
CA ASP A 123 17.99 2.35 2.93
C ASP A 123 17.10 2.60 1.72
N VAL A 124 17.37 1.84 0.70
CA VAL A 124 16.69 1.93 -0.60
C VAL A 124 15.65 0.79 -0.71
N TRP A 125 14.43 1.11 -1.11
CA TRP A 125 13.38 0.11 -1.27
C TRP A 125 12.60 0.22 -2.55
N GLY A 126 11.74 -0.81 -2.63
CA GLY A 126 10.56 -1.02 -3.45
C GLY A 126 10.64 -0.58 -4.89
N PRO A 127 9.52 -0.29 -5.61
CA PRO A 127 8.12 -0.22 -5.19
C PRO A 127 7.47 -1.57 -4.98
N GLY A 128 8.19 -2.65 -5.26
CA GLY A 128 7.66 -4.00 -5.07
C GLY A 128 6.94 -4.53 -6.28
N THR A 129 6.90 -5.85 -6.39
CA THR A 129 6.22 -6.55 -7.48
C THR A 129 5.30 -7.54 -6.80
N THR A 130 4.08 -7.71 -7.34
CA THR A 130 3.11 -8.61 -6.76
C THR A 130 3.20 -10.06 -7.26
N VAL A 131 3.24 -11.02 -6.33
CA VAL A 131 3.28 -12.44 -6.65
C VAL A 131 2.04 -13.07 -6.09
N THR A 132 1.22 -13.70 -6.96
CA THR A 132 0.00 -14.40 -6.55
C THR A 132 0.12 -15.90 -6.78
N VAL A 133 0.06 -16.69 -5.73
CA VAL A 133 0.14 -18.14 -5.84
C VAL A 133 -1.26 -18.69 -5.60
N SER A 134 -1.93 -19.10 -6.70
CA SER A 134 -3.32 -19.59 -6.71
C SER A 134 -3.59 -20.38 -7.98
N SER A 135 -4.62 -21.26 -7.93
CA SER A 135 -5.03 -22.05 -9.09
C SER A 135 -5.72 -21.21 -10.15
N ALA A 136 -6.87 -20.60 -9.81
CA ALA A 136 -7.71 -19.73 -10.64
C ALA A 136 -6.99 -18.88 -11.65
N SER A 137 -7.67 -18.65 -12.75
CA SER A 137 -7.17 -17.89 -13.88
C SER A 137 -7.35 -16.41 -13.73
N THR A 138 -6.60 -15.73 -14.54
CA THR A 138 -6.47 -14.30 -14.73
C THR A 138 -7.75 -13.73 -15.35
N LYS A 139 -8.09 -12.47 -15.06
CA LYS A 139 -9.22 -11.80 -15.69
C LYS A 139 -9.01 -10.29 -15.67
N GLY A 140 -9.12 -9.65 -16.82
CA GLY A 140 -8.97 -8.21 -16.90
C GLY A 140 -10.22 -7.56 -16.37
N PRO A 141 -10.16 -6.28 -16.03
CA PRO A 141 -11.36 -5.63 -15.52
C PRO A 141 -12.20 -4.95 -16.61
N SER A 142 -13.45 -4.71 -16.27
CA SER A 142 -14.35 -3.99 -17.13
C SER A 142 -14.34 -2.63 -16.52
N VAL A 143 -14.16 -1.59 -17.34
CA VAL A 143 -14.14 -0.21 -16.82
C VAL A 143 -15.40 0.54 -17.19
N PHE A 144 -16.09 1.11 -16.19
CA PHE A 144 -17.31 1.86 -16.42
C PHE A 144 -17.18 3.26 -15.90
N PRO A 145 -17.82 4.23 -16.59
CA PRO A 145 -17.75 5.61 -16.11
C PRO A 145 -18.69 5.86 -14.93
N LEU A 146 -18.26 6.68 -13.99
CA LEU A 146 -19.08 7.09 -12.84
C LEU A 146 -19.26 8.59 -13.14
N ALA A 147 -20.15 8.93 -14.13
CA ALA A 147 -20.33 10.24 -14.76
C ALA A 147 -20.68 11.38 -13.82
N PRO A 148 -20.14 12.60 -14.07
CA PRO A 148 -20.45 13.72 -13.15
C PRO A 148 -21.92 14.16 -13.18
N SER A 149 -22.68 13.58 -12.24
CA SER A 149 -24.10 13.84 -12.07
C SER A 149 -24.35 15.14 -11.32
N SER A 150 -25.47 15.75 -11.68
CA SER A 150 -25.95 16.99 -11.07
C SER A 150 -26.54 16.73 -9.68
N LYS A 151 -27.04 15.49 -9.45
CA LYS A 151 -27.64 15.00 -8.20
C LYS A 151 -26.55 14.83 -7.13
N GLY A 156 -21.19 23.99 -6.44
CA GLY A 156 -19.78 24.28 -6.25
C GLY A 156 -18.85 23.27 -6.89
N THR A 157 -18.75 22.05 -6.28
CA THR A 157 -17.90 20.97 -6.81
C THR A 157 -18.70 19.76 -7.27
N ALA A 158 -18.10 18.99 -8.19
CA ALA A 158 -18.70 17.78 -8.74
C ALA A 158 -17.72 16.64 -8.62
N ALA A 159 -18.24 15.41 -8.51
CA ALA A 159 -17.41 14.22 -8.40
C ALA A 159 -17.66 13.32 -9.58
N LEU A 160 -16.58 12.77 -10.14
CA LEU A 160 -16.67 11.86 -11.28
C LEU A 160 -15.67 10.74 -11.09
N GLY A 161 -15.76 9.66 -11.85
CA GLY A 161 -14.81 8.59 -11.70
C GLY A 161 -14.93 7.40 -12.62
N CYS A 162 -14.24 6.32 -12.26
CA CYS A 162 -14.20 5.07 -12.99
C CYS A 162 -14.38 3.90 -12.05
N LEU A 163 -15.25 2.98 -12.44
CA LEU A 163 -15.46 1.76 -11.68
C LEU A 163 -14.65 0.68 -12.39
N VAL A 164 -13.72 0.07 -11.69
CA VAL A 164 -12.89 -0.99 -12.24
C VAL A 164 -13.42 -2.31 -11.65
N LYS A 165 -14.26 -3.01 -12.42
CA LYS A 165 -14.94 -4.25 -12.01
C LYS A 165 -14.36 -5.59 -12.43
N ASP A 166 -14.57 -6.57 -11.57
CA ASP A 166 -14.27 -7.99 -11.75
C ASP A 166 -12.93 -8.34 -12.36
N TYR A 167 -11.86 -8.10 -11.64
CA TYR A 167 -10.53 -8.48 -12.12
C TYR A 167 -9.90 -9.47 -11.17
N PHE A 168 -8.84 -10.11 -11.64
CA PHE A 168 -8.09 -11.05 -10.85
C PHE A 168 -6.77 -11.44 -11.55
N PRO A 169 -5.64 -11.45 -10.79
CA PRO A 169 -5.55 -11.10 -9.38
C PRO A 169 -5.25 -9.61 -9.22
N GLU A 170 -4.96 -9.23 -7.98
CA GLU A 170 -4.50 -7.90 -7.65
C GLU A 170 -3.06 -7.80 -8.20
N PRO A 171 -2.57 -6.59 -8.47
CA PRO A 171 -3.23 -5.29 -8.32
C PRO A 171 -3.59 -4.65 -9.66
N VAL A 172 -4.23 -3.51 -9.56
CA VAL A 172 -4.57 -2.69 -10.71
C VAL A 172 -4.06 -1.31 -10.38
N THR A 173 -3.71 -0.52 -11.39
CA THR A 173 -3.24 0.84 -11.13
C THR A 173 -4.12 1.80 -11.85
N VAL A 174 -4.40 2.94 -11.24
CA VAL A 174 -5.25 3.96 -11.84
C VAL A 174 -4.58 5.30 -11.74
N SER A 175 -4.50 6.02 -12.87
CA SER A 175 -4.01 7.37 -12.92
C SER A 175 -5.05 8.17 -13.68
N TRP A 176 -5.00 9.48 -13.60
CA TRP A 176 -5.94 10.33 -14.31
C TRP A 176 -5.20 11.25 -15.22
N ASN A 177 -5.66 11.34 -16.48
CA ASN A 177 -5.04 12.22 -17.49
C ASN A 177 -3.55 11.97 -17.57
N SER A 178 -3.17 10.69 -17.66
CA SER A 178 -1.78 10.27 -17.74
C SER A 178 -0.92 10.82 -16.59
N GLY A 179 -1.51 10.88 -15.40
CA GLY A 179 -0.80 11.33 -14.21
C GLY A 179 -0.75 12.82 -14.00
N ALA A 180 -1.28 13.60 -14.96
CA ALA A 180 -1.30 15.07 -14.84
C ALA A 180 -2.25 15.49 -13.73
N LEU A 181 -3.23 14.62 -13.41
CA LEU A 181 -4.20 14.90 -12.37
C LEU A 181 -4.06 14.03 -11.13
N THR A 182 -3.79 14.67 -10.00
CA THR A 182 -3.63 13.98 -8.71
C THR A 182 -4.47 14.67 -7.63
N SER A 183 -4.70 15.96 -7.81
CA SER A 183 -5.47 16.77 -6.87
C SER A 183 -6.93 16.34 -6.84
N GLY A 184 -7.44 16.05 -5.64
CA GLY A 184 -8.82 15.63 -5.42
C GLY A 184 -9.12 14.22 -5.89
N VAL A 185 -8.05 13.44 -6.13
CA VAL A 185 -8.16 12.05 -6.60
C VAL A 185 -8.15 11.13 -5.40
N HIS A 186 -9.06 10.15 -5.39
CA HIS A 186 -9.15 9.13 -4.33
C HIS A 186 -9.39 7.77 -4.99
N THR A 187 -8.38 6.90 -5.01
CA THR A 187 -8.51 5.54 -5.55
C THR A 187 -8.67 4.66 -4.33
N PHE A 188 -9.73 3.87 -4.28
CA PHE A 188 -10.01 3.08 -3.10
C PHE A 188 -9.40 1.69 -3.11
N PRO A 189 -9.10 1.14 -1.91
CA PRO A 189 -8.62 -0.25 -1.83
C PRO A 189 -9.66 -1.18 -2.49
N ALA A 190 -9.20 -2.21 -3.21
CA ALA A 190 -10.14 -3.12 -3.85
C ALA A 190 -10.95 -3.92 -2.86
N VAL A 191 -12.21 -4.17 -3.21
CA VAL A 191 -13.11 -4.96 -2.41
C VAL A 191 -13.12 -6.33 -3.08
N LEU A 192 -13.29 -7.39 -2.30
CA LEU A 192 -13.37 -8.72 -2.85
C LEU A 192 -14.84 -9.12 -2.88
N GLN A 193 -15.32 -9.44 -4.09
CA GLN A 193 -16.72 -9.77 -4.34
C GLN A 193 -16.99 -11.23 -4.02
N SER A 194 -18.28 -11.56 -3.87
CA SER A 194 -18.78 -12.91 -3.64
C SER A 194 -18.30 -13.84 -4.79
N SER A 195 -18.18 -13.28 -6.01
CA SER A 195 -17.70 -13.95 -7.22
C SER A 195 -16.23 -14.43 -7.14
N GLY A 196 -15.47 -13.90 -6.15
CA GLY A 196 -14.06 -14.23 -5.95
C GLY A 196 -13.14 -13.25 -6.66
N LEU A 197 -13.74 -12.27 -7.37
CA LEU A 197 -13.06 -11.24 -8.16
C LEU A 197 -12.95 -9.94 -7.40
N TYR A 198 -12.01 -9.06 -7.78
CA TYR A 198 -11.90 -7.77 -7.12
C TYR A 198 -12.56 -6.67 -7.91
N SER A 199 -12.80 -5.54 -7.26
CA SER A 199 -13.40 -4.37 -7.86
C SER A 199 -12.94 -3.18 -7.06
N LEU A 200 -12.69 -2.06 -7.72
CA LEU A 200 -12.32 -0.84 -7.01
C LEU A 200 -12.86 0.36 -7.76
N SER A 201 -12.83 1.49 -7.10
CA SER A 201 -13.27 2.71 -7.73
C SER A 201 -12.21 3.77 -7.53
N SER A 202 -12.12 4.71 -8.50
CA SER A 202 -11.25 5.87 -8.43
C SER A 202 -12.11 7.08 -8.75
N VAL A 203 -12.09 8.08 -7.90
CA VAL A 203 -12.96 9.24 -8.07
C VAL A 203 -12.18 10.54 -7.91
N VAL A 204 -12.55 11.58 -8.67
CA VAL A 204 -11.90 12.90 -8.62
C VAL A 204 -12.93 14.00 -8.39
N THR A 205 -12.59 14.98 -7.53
CA THR A 205 -13.45 16.14 -7.26
C THR A 205 -12.95 17.32 -8.08
N VAL A 206 -13.89 18.05 -8.72
CA VAL A 206 -13.58 19.19 -9.61
C VAL A 206 -14.61 20.32 -9.47
N PRO A 207 -14.29 21.56 -9.93
CA PRO A 207 -15.28 22.65 -9.88
C PRO A 207 -16.48 22.41 -10.79
N SER A 210 -16.69 24.14 -14.03
CA SER A 210 -15.59 23.80 -14.93
C SER A 210 -15.93 22.63 -15.87
N LEU A 211 -17.01 21.91 -15.57
CA LEU A 211 -17.42 20.78 -16.39
C LEU A 211 -17.71 21.21 -17.81
N GLY A 212 -17.15 20.46 -18.74
CA GLY A 212 -17.29 20.73 -20.17
C GLY A 212 -16.07 21.41 -20.74
N THR A 213 -15.38 22.23 -19.92
CA THR A 213 -14.18 22.95 -20.35
C THR A 213 -12.98 22.02 -20.57
N GLN A 214 -12.90 20.94 -19.78
CA GLN A 214 -11.80 19.99 -19.79
C GLN A 214 -12.20 18.53 -19.92
N THR A 215 -11.23 17.67 -20.20
CA THR A 215 -11.49 16.23 -20.29
C THR A 215 -10.89 15.50 -19.09
N TYR A 216 -11.53 14.37 -18.73
CA TYR A 216 -11.09 13.54 -17.62
C TYR A 216 -11.05 12.11 -18.07
N ILE A 217 -9.85 11.55 -18.13
CA ILE A 217 -9.66 10.18 -18.58
C ILE A 217 -8.95 9.37 -17.52
N CYS A 218 -9.51 8.22 -17.14
CA CYS A 218 -8.83 7.36 -16.19
C CYS A 218 -8.01 6.33 -16.97
N ASN A 219 -6.78 6.11 -16.54
CA ASN A 219 -5.88 5.18 -17.19
C ASN A 219 -5.72 3.98 -16.30
N VAL A 220 -6.41 2.89 -16.65
CA VAL A 220 -6.40 1.67 -15.87
C VAL A 220 -5.42 0.65 -16.40
N ASN A 221 -4.61 0.08 -15.53
CA ASN A 221 -3.67 -0.94 -15.95
C ASN A 221 -3.77 -2.17 -15.07
N HIS A 222 -3.97 -3.34 -15.70
CA HIS A 222 -4.01 -4.63 -15.02
C HIS A 222 -2.94 -5.49 -15.69
N LYS A 223 -1.72 -5.33 -15.22
CA LYS A 223 -0.57 -6.06 -15.76
C LYS A 223 -0.80 -7.59 -15.81
N PRO A 224 -1.33 -8.22 -14.72
CA PRO A 224 -1.51 -9.68 -14.75
C PRO A 224 -2.18 -10.24 -16.01
N SER A 225 -3.13 -9.49 -16.57
CA SER A 225 -3.84 -9.90 -17.77
C SER A 225 -3.43 -9.06 -18.96
N ASN A 226 -2.44 -8.20 -18.77
CA ASN A 226 -1.98 -7.31 -19.85
C ASN A 226 -3.16 -6.58 -20.47
N THR A 227 -3.91 -5.89 -19.62
CA THR A 227 -5.05 -5.09 -20.04
C THR A 227 -4.83 -3.64 -19.65
N LYS A 228 -4.99 -2.75 -20.62
CA LYS A 228 -4.85 -1.31 -20.40
C LYS A 228 -6.08 -0.65 -20.97
N VAL A 229 -6.69 0.21 -20.18
CA VAL A 229 -7.92 0.88 -20.58
C VAL A 229 -7.84 2.36 -20.27
N ASP A 230 -8.18 3.18 -21.27
CA ASP A 230 -8.28 4.63 -21.11
C ASP A 230 -9.74 4.93 -21.35
N LYS A 231 -10.42 5.44 -20.33
CA LYS A 231 -11.84 5.72 -20.44
C LYS A 231 -12.12 7.16 -20.08
N LYS A 232 -12.63 7.94 -21.04
CA LYS A 232 -12.99 9.33 -20.77
C LYS A 232 -14.31 9.30 -20.03
N VAL A 233 -14.44 10.15 -19.01
CA VAL A 233 -15.68 10.25 -18.25
C VAL A 233 -16.39 11.58 -18.60
N GLU A 234 -17.50 11.47 -19.34
CA GLU A 234 -18.30 12.59 -19.79
C GLU A 234 -19.60 12.51 -19.03
N PRO A 235 -20.34 13.63 -18.83
CA PRO A 235 -21.62 13.55 -18.08
C PRO A 235 -22.83 13.15 -18.93
N ASP B 1 15.93 -17.49 16.62
CA ASP B 1 15.36 -16.26 16.09
C ASP B 1 15.06 -15.26 17.21
N ILE B 2 15.25 -13.99 16.92
CA ILE B 2 14.96 -12.91 17.85
C ILE B 2 13.54 -12.35 17.59
N VAL B 3 12.70 -12.35 18.63
CA VAL B 3 11.33 -11.84 18.54
C VAL B 3 11.28 -10.35 18.86
N MET B 4 10.66 -9.57 17.96
CA MET B 4 10.48 -8.11 18.12
C MET B 4 9.02 -7.77 18.43
N THR B 5 8.78 -6.99 19.50
CA THR B 5 7.42 -6.58 19.86
C THR B 5 7.22 -5.06 19.93
N GLN B 6 6.15 -4.57 19.30
CA GLN B 6 5.78 -3.14 19.33
C GLN B 6 4.51 -2.91 20.12
N SER B 7 4.46 -1.73 20.79
CA SER B 7 3.31 -1.37 21.58
C SER B 7 3.08 0.12 21.54
N PRO B 8 1.82 0.54 21.26
CA PRO B 8 0.68 -0.33 20.90
C PRO B 8 0.64 -0.50 19.39
N LEU B 9 -0.27 -1.32 18.90
CA LEU B 9 -0.42 -1.57 17.48
C LEU B 9 -1.18 -0.44 16.81
N SER B 10 -1.98 0.25 17.59
CA SER B 10 -2.81 1.36 17.12
C SER B 10 -2.62 2.56 18.04
N LEU B 11 -2.25 3.69 17.45
CA LEU B 11 -1.94 4.88 18.20
C LEU B 11 -2.60 6.13 17.61
N PRO B 12 -3.73 6.55 18.22
CA PRO B 12 -4.37 7.81 17.83
C PRO B 12 -3.73 9.01 18.55
N VAL B 13 -3.39 10.07 17.80
CA VAL B 13 -2.68 11.21 18.34
C VAL B 13 -3.20 12.52 17.75
N THR B 14 -3.37 13.54 18.60
CA THR B 14 -3.81 14.87 18.22
C THR B 14 -2.66 15.64 17.56
N PRO B 15 -2.89 16.28 16.39
CA PRO B 15 -1.81 17.03 15.72
C PRO B 15 -1.19 18.06 16.66
N GLY B 16 0.14 18.02 16.78
CA GLY B 16 0.92 18.89 17.65
C GLY B 16 1.32 18.26 18.97
N GLU B 17 0.67 17.16 19.33
CA GLU B 17 0.90 16.39 20.55
C GLU B 17 2.16 15.48 20.38
N PRO B 18 2.81 15.05 21.50
CA PRO B 18 3.89 14.06 21.37
C PRO B 18 3.31 12.63 21.18
N ALA B 19 4.16 11.68 20.70
CA ALA B 19 3.82 10.27 20.51
C ALA B 19 5.02 9.36 20.64
N SER B 20 4.81 8.20 21.28
CA SER B 20 5.83 7.19 21.53
C SER B 20 5.44 5.82 21.05
N ILE B 21 6.40 5.09 20.46
CA ILE B 21 6.21 3.70 20.09
C ILE B 21 7.25 2.85 20.81
N SER B 22 6.84 1.73 21.41
CA SER B 22 7.75 0.86 22.12
C SER B 22 8.16 -0.33 21.25
N CYS B 23 9.44 -0.71 21.32
CA CYS B 23 9.99 -1.88 20.62
C CYS B 23 10.89 -2.68 21.54
N ARG B 24 10.51 -3.93 21.78
CA ARG B 24 11.29 -4.83 22.64
C ARG B 24 11.79 -6.05 21.88
N SER B 25 13.02 -6.44 22.15
CA SER B 25 13.62 -7.64 21.57
C SER B 25 13.75 -8.69 22.66
N SER B 26 13.69 -9.96 22.29
CA SER B 26 13.81 -11.06 23.27
C SER B 26 15.26 -11.30 23.71
N GLN B 27 16.22 -10.80 22.91
CA GLN B 27 17.65 -10.85 23.19
C GLN B 27 18.21 -9.47 22.92
N PRO B 28 19.33 -9.05 23.55
CA PRO B 28 19.83 -7.70 23.32
C PRO B 28 20.60 -7.48 22.03
N LEU B 29 20.46 -6.28 21.45
CA LEU B 29 21.08 -5.86 20.20
C LEU B 29 22.43 -5.17 20.44
N LEU B 30 23.33 -5.91 21.14
CA LEU B 30 24.71 -5.61 21.53
C LEU B 30 25.46 -4.62 20.62
N ALA B 31 25.96 -3.52 21.23
CA ALA B 31 26.72 -2.49 20.53
C ALA B 31 28.18 -2.97 20.26
N MET B 32 28.32 -4.14 19.61
CA MET B 32 29.63 -4.75 19.36
C MET B 32 30.45 -3.98 18.34
N ASP B 33 29.81 -3.24 17.40
CA ASP B 33 30.55 -2.37 16.49
C ASP B 33 30.81 -1.08 17.30
N GLY B 34 29.96 -0.89 18.31
CA GLY B 34 29.89 0.29 19.16
C GLY B 34 28.52 0.93 18.99
N HIS B 35 27.68 0.29 18.13
CA HIS B 35 26.33 0.71 17.77
C HIS B 35 25.34 -0.38 18.06
N ASN B 36 24.16 0.02 18.61
CA ASN B 36 23.03 -0.89 18.84
C ASN B 36 22.30 -1.01 17.49
N TYR B 37 22.04 -2.26 17.03
CA TYR B 37 21.47 -2.51 15.70
C TYR B 37 19.96 -2.71 15.70
N LEU B 38 19.25 -1.57 15.54
CA LEU B 38 17.79 -1.46 15.44
C LEU B 38 17.38 -0.32 14.46
N ASP B 39 16.43 -0.60 13.62
CA ASP B 39 15.94 0.36 12.65
C ASP B 39 14.45 0.65 12.91
N TRP B 40 14.00 1.75 12.38
CA TRP B 40 12.59 2.14 12.40
C TRP B 40 12.16 2.51 11.00
N TYR B 41 11.04 1.94 10.54
CA TYR B 41 10.46 2.23 9.24
C TYR B 41 9.05 2.86 9.33
N LEU B 42 8.72 3.66 8.32
CA LEU B 42 7.39 4.21 8.14
C LEU B 42 6.87 3.80 6.77
N GLN B 43 5.70 3.16 6.78
CA GLN B 43 4.99 2.84 5.55
C GLN B 43 3.76 3.70 5.50
N LYS B 44 3.69 4.46 4.43
CA LYS B 44 2.67 5.45 4.27
C LYS B 44 1.76 4.95 3.22
N PRO B 45 0.44 5.23 3.33
CA PRO B 45 -0.46 4.65 2.34
C PRO B 45 -0.03 4.98 0.93
N GLY B 46 0.05 3.92 0.13
CA GLY B 46 0.45 3.98 -1.27
C GLY B 46 1.93 3.80 -1.53
N GLN B 47 2.75 3.68 -0.46
CA GLN B 47 4.19 3.62 -0.66
C GLN B 47 4.90 2.54 0.15
N SER B 48 6.10 2.18 -0.35
CA SER B 48 6.98 1.15 0.21
C SER B 48 7.58 1.64 1.50
N PRO B 49 8.12 0.75 2.34
CA PRO B 49 8.57 1.23 3.64
C PRO B 49 9.76 2.12 3.48
N GLN B 50 9.90 3.06 4.38
CA GLN B 50 10.99 4.01 4.28
C GLN B 50 11.71 4.06 5.60
N VAL B 51 13.04 3.99 5.51
CA VAL B 51 13.91 4.10 6.68
C VAL B 51 13.83 5.51 7.32
N LEU B 52 13.64 5.56 8.65
CA LEU B 52 13.60 6.79 9.44
C LEU B 52 14.84 6.87 10.32
N ILE B 53 15.00 5.85 11.13
CA ILE B 53 16.06 5.73 12.11
C ILE B 53 16.78 4.42 11.96
N TYR B 54 18.10 4.47 12.02
CA TYR B 54 18.96 3.31 11.94
C TYR B 54 19.93 3.37 13.08
N GLN B 55 20.64 2.25 13.32
CA GLN B 55 21.64 2.13 14.41
C GLN B 55 21.04 2.61 15.74
N SER B 56 19.77 2.25 15.96
CA SER B 56 18.89 2.52 17.10
C SER B 56 18.55 4.02 17.35
N LYS B 57 19.44 4.98 17.00
CA LYS B 57 19.24 6.38 17.34
C LYS B 57 19.57 7.40 16.26
N TRP B 58 20.02 6.96 15.08
CA TRP B 58 20.41 7.83 13.96
C TRP B 58 19.31 8.14 12.90
N ARG B 59 18.95 9.42 12.71
CA ARG B 59 17.98 9.79 11.65
C ARG B 59 18.65 9.60 10.29
N ALA B 60 17.88 9.17 9.30
CA ALA B 60 18.40 9.05 7.94
C ALA B 60 18.25 10.40 7.26
N SER B 61 18.85 10.54 6.04
CA SER B 61 18.78 11.77 5.26
C SER B 61 17.38 12.24 5.03
N GLY B 62 17.15 13.53 5.23
CA GLY B 62 15.86 14.14 5.01
C GLY B 62 14.79 13.80 6.03
N VAL B 63 15.10 12.92 7.01
CA VAL B 63 14.14 12.59 8.06
C VAL B 63 14.05 13.78 8.98
N PRO B 64 12.83 14.33 9.19
CA PRO B 64 12.70 15.54 10.02
C PRO B 64 13.08 15.26 11.45
N ASP B 65 13.68 16.25 12.10
CA ASP B 65 14.22 16.22 13.45
C ASP B 65 13.17 15.94 14.53
N ARG B 66 11.86 15.89 14.18
CA ARG B 66 10.85 15.59 15.19
C ARG B 66 10.87 14.10 15.58
N PHE B 67 11.49 13.25 14.74
CA PHE B 67 11.66 11.82 14.99
C PHE B 67 12.96 11.56 15.71
N SER B 68 12.90 10.75 16.76
CA SER B 68 14.10 10.39 17.49
C SER B 68 13.94 9.00 18.10
N GLY B 69 15.01 8.23 18.03
CA GLY B 69 15.05 6.90 18.59
C GLY B 69 15.93 6.87 19.82
N SER B 70 15.62 5.97 20.74
CA SER B 70 16.33 5.82 22.01
C SER B 70 16.12 4.42 22.57
N GLY B 71 16.90 4.11 23.59
CA GLY B 71 16.86 2.82 24.26
C GLY B 71 18.14 2.04 24.08
N SER B 72 18.27 0.94 24.80
CA SER B 72 19.44 0.08 24.74
C SER B 72 19.11 -1.34 25.13
N GLY B 73 19.99 -2.25 24.72
CA GLY B 73 19.90 -3.68 25.01
C GLY B 73 18.71 -4.33 24.37
N THR B 74 17.59 -4.42 25.10
CA THR B 74 16.36 -5.06 24.59
C THR B 74 15.19 -4.09 24.49
N ASP B 75 15.42 -2.82 24.84
CA ASP B 75 14.33 -1.88 25.00
C ASP B 75 14.46 -0.57 24.27
N PHE B 76 13.65 -0.40 23.23
CA PHE B 76 13.76 0.75 22.34
C PHE B 76 12.47 1.53 22.16
N THR B 77 12.63 2.79 21.72
CA THR B 77 11.51 3.72 21.60
C THR B 77 11.67 4.75 20.51
N LEU B 78 10.66 4.81 19.62
CA LEU B 78 10.57 5.86 18.61
C LEU B 78 9.72 6.97 19.22
N LYS B 79 10.23 8.18 19.19
CA LYS B 79 9.49 9.32 19.66
C LYS B 79 9.32 10.33 18.56
N ILE B 80 8.11 10.86 18.46
CA ILE B 80 7.76 11.99 17.62
C ILE B 80 7.36 13.05 18.64
N SER B 81 8.09 14.18 18.66
CA SER B 81 7.90 15.24 19.67
C SER B 81 6.62 16.07 19.52
N ARG B 82 6.24 16.34 18.27
CA ARG B 82 5.05 17.11 17.91
C ARG B 82 4.55 16.47 16.64
N VAL B 83 3.49 15.67 16.76
CA VAL B 83 2.93 14.94 15.65
C VAL B 83 2.30 15.86 14.59
N GLU B 84 2.50 15.49 13.32
CA GLU B 84 2.05 16.20 12.14
C GLU B 84 1.12 15.30 11.29
N ALA B 85 0.32 15.89 10.40
CA ALA B 85 -0.58 15.11 9.57
C ALA B 85 0.14 14.13 8.67
N GLU B 86 1.27 14.54 8.10
CA GLU B 86 2.08 13.69 7.21
C GLU B 86 2.75 12.48 7.91
N ASP B 87 2.68 12.40 9.24
CA ASP B 87 3.28 11.29 10.00
C ASP B 87 2.39 10.05 10.03
N VAL B 88 1.20 10.11 9.41
CA VAL B 88 0.29 8.97 9.42
C VAL B 88 0.82 7.82 8.61
N GLY B 89 0.53 6.61 9.07
CA GLY B 89 0.94 5.39 8.42
C GLY B 89 1.29 4.33 9.43
N VAL B 90 2.00 3.29 8.96
CA VAL B 90 2.41 2.20 9.83
C VAL B 90 3.90 2.21 10.10
N TYR B 91 4.26 2.13 11.39
CA TYR B 91 5.62 2.13 11.86
C TYR B 91 6.08 0.76 12.26
N TYR B 92 7.31 0.43 11.84
CA TYR B 92 7.92 -0.84 12.12
C TYR B 92 9.29 -0.67 12.69
N CYS B 93 9.59 -1.47 13.71
CA CYS B 93 10.93 -1.61 14.22
C CYS B 93 11.51 -2.87 13.64
N MET B 94 12.78 -2.82 13.30
CA MET B 94 13.47 -3.94 12.70
C MET B 94 14.90 -4.03 13.22
N GLN B 95 15.23 -5.21 13.70
CA GLN B 95 16.59 -5.47 14.14
C GLN B 95 17.38 -6.02 12.93
N ALA B 96 18.54 -5.46 12.76
CA ALA B 96 19.44 -5.80 11.67
C ALA B 96 20.77 -6.33 12.25
N LEU B 97 20.68 -6.84 13.45
CA LEU B 97 21.78 -7.30 14.28
C LEU B 97 22.35 -8.68 13.96
N GLN B 98 21.48 -9.69 13.75
CA GLN B 98 21.86 -11.06 13.46
C GLN B 98 20.64 -11.71 12.81
N THR B 99 20.85 -12.42 11.66
CA THR B 99 19.82 -13.03 10.81
C THR B 99 19.13 -14.25 11.56
N PRO B 100 17.81 -14.48 11.32
CA PRO B 100 16.98 -13.70 10.40
C PRO B 100 16.70 -12.30 10.93
N LEU B 101 16.75 -11.33 10.02
CA LEU B 101 16.39 -9.96 10.33
C LEU B 101 14.90 -9.99 10.66
N THR B 102 14.51 -9.36 11.76
CA THR B 102 13.11 -9.43 12.18
C THR B 102 12.49 -8.10 12.42
N PHE B 103 11.20 -8.02 12.06
CA PHE B 103 10.34 -6.85 12.17
C PHE B 103 9.34 -7.04 13.27
N GLY B 104 8.99 -5.93 13.89
CA GLY B 104 7.91 -5.89 14.87
C GLY B 104 6.62 -5.94 14.07
N GLY B 105 5.51 -6.26 14.73
CA GLY B 105 4.20 -6.40 14.10
C GLY B 105 3.61 -5.16 13.43
N GLY B 106 4.21 -4.02 13.72
CA GLY B 106 3.81 -2.73 13.20
C GLY B 106 2.84 -1.95 14.07
N THR B 107 2.93 -0.61 13.99
CA THR B 107 2.10 0.34 14.71
C THR B 107 1.44 1.35 13.75
N LYS B 108 0.10 1.40 13.75
CA LYS B 108 -0.69 2.32 12.95
C LYS B 108 -0.94 3.63 13.71
N VAL B 109 -0.30 4.70 13.25
CA VAL B 109 -0.53 6.01 13.81
C VAL B 109 -1.78 6.58 13.13
N GLU B 110 -2.72 7.06 13.96
CA GLU B 110 -3.98 7.65 13.53
C GLU B 110 -3.98 9.07 13.98
N ILE B 111 -4.21 9.99 13.05
CA ILE B 111 -4.30 11.39 13.43
C ILE B 111 -5.71 11.68 13.99
N LYS B 112 -5.77 12.29 15.16
CA LYS B 112 -7.06 12.66 15.72
C LYS B 112 -7.36 14.05 15.16
N ARG B 113 -8.66 14.36 14.98
CA ARG B 113 -9.14 15.56 14.31
C ARG B 113 -10.59 15.82 14.72
N THR B 114 -11.10 17.06 14.48
CA THR B 114 -12.49 17.48 14.72
C THR B 114 -13.41 16.79 13.72
N VAL B 115 -14.70 16.58 14.09
CA VAL B 115 -15.74 16.01 13.20
C VAL B 115 -15.85 16.80 11.88
N ALA B 116 -15.96 16.09 10.76
CA ALA B 116 -16.17 16.73 9.47
C ALA B 116 -17.18 15.91 8.72
N ALA B 117 -18.21 16.57 8.22
CA ALA B 117 -19.30 15.95 7.52
C ALA B 117 -18.92 15.54 6.08
N PRO B 118 -19.42 14.36 5.65
CA PRO B 118 -19.10 13.90 4.31
C PRO B 118 -19.91 14.60 3.26
N SER B 119 -19.26 14.92 2.16
CA SER B 119 -19.99 15.35 0.97
C SER B 119 -20.54 14.01 0.42
N VAL B 120 -21.79 13.99 -0.07
CA VAL B 120 -22.40 12.74 -0.55
C VAL B 120 -22.74 12.82 -2.01
N PHE B 121 -22.25 11.86 -2.78
CA PHE B 121 -22.51 11.81 -4.21
C PHE B 121 -23.10 10.45 -4.57
N ILE B 122 -23.82 10.36 -5.70
CA ILE B 122 -24.45 9.12 -6.17
C ILE B 122 -24.25 9.05 -7.70
N PHE B 123 -24.01 7.86 -8.23
CA PHE B 123 -23.77 7.62 -9.64
C PHE B 123 -24.55 6.41 -10.08
N PRO B 124 -25.43 6.57 -11.09
CA PRO B 124 -26.17 5.42 -11.60
C PRO B 124 -25.21 4.59 -12.44
N PRO B 125 -25.54 3.32 -12.71
CA PRO B 125 -24.69 2.51 -13.61
C PRO B 125 -24.68 3.17 -14.99
N SER B 126 -23.64 2.92 -15.78
CA SER B 126 -23.55 3.49 -17.14
C SER B 126 -24.34 2.61 -18.13
N ASP B 127 -24.64 3.17 -19.34
CA ASP B 127 -25.32 2.39 -20.37
C ASP B 127 -24.47 1.17 -20.71
N GLU B 128 -23.12 1.35 -20.76
CA GLU B 128 -22.09 0.34 -21.01
C GLU B 128 -22.20 -0.87 -20.07
N GLN B 129 -22.27 -0.60 -18.74
CA GLN B 129 -22.44 -1.55 -17.61
C GLN B 129 -23.63 -2.43 -17.83
N LEU B 130 -24.75 -1.76 -18.12
CA LEU B 130 -26.08 -2.36 -18.27
C LEU B 130 -26.10 -3.23 -19.51
N LYS B 131 -25.50 -2.72 -20.60
CA LYS B 131 -25.36 -3.44 -21.86
C LYS B 131 -24.65 -4.78 -21.66
N SER B 132 -23.95 -4.96 -20.51
CA SER B 132 -23.24 -6.20 -20.18
C SER B 132 -23.96 -7.07 -19.12
N GLY B 133 -25.15 -6.65 -18.68
CA GLY B 133 -26.00 -7.41 -17.77
C GLY B 133 -25.81 -7.24 -16.27
N THR B 134 -25.08 -6.19 -15.85
CA THR B 134 -24.86 -5.92 -14.43
C THR B 134 -25.09 -4.45 -14.13
N ALA B 135 -25.42 -4.15 -12.87
CA ALA B 135 -25.68 -2.79 -12.43
C ALA B 135 -24.99 -2.49 -11.11
N SER B 136 -24.12 -1.47 -11.12
CA SER B 136 -23.44 -1.03 -9.92
C SER B 136 -23.76 0.42 -9.74
N VAL B 137 -24.35 0.68 -8.61
CA VAL B 137 -24.72 2.03 -8.22
C VAL B 137 -23.74 2.42 -7.14
N VAL B 138 -23.02 3.50 -7.38
CA VAL B 138 -22.02 3.97 -6.44
C VAL B 138 -22.46 5.16 -5.69
N CYS B 139 -22.35 5.06 -4.38
CA CYS B 139 -22.53 6.17 -3.46
C CYS B 139 -21.15 6.55 -2.91
N LEU B 140 -20.82 7.84 -2.95
CA LEU B 140 -19.53 8.37 -2.53
C LEU B 140 -19.65 9.28 -1.35
N LEU B 141 -18.99 8.93 -0.26
CA LEU B 141 -18.95 9.75 0.94
C LEU B 141 -17.56 10.34 0.88
N ASN B 142 -17.43 11.65 0.79
CA ASN B 142 -16.12 12.24 0.63
C ASN B 142 -15.64 13.11 1.78
N ASN B 143 -14.36 12.95 2.13
CA ASN B 143 -13.64 13.76 3.09
C ASN B 143 -14.39 13.98 4.40
N PHE B 144 -14.46 12.92 5.19
CA PHE B 144 -15.17 12.98 6.46
C PHE B 144 -14.30 12.45 7.60
N TYR B 145 -14.74 12.68 8.84
CA TYR B 145 -14.11 12.18 10.06
C TYR B 145 -15.15 12.18 11.19
N PRO B 146 -15.18 11.14 12.06
CA PRO B 146 -14.32 9.93 12.11
C PRO B 146 -14.58 8.95 10.99
N ARG B 147 -13.99 7.75 11.08
CA ARG B 147 -14.16 6.74 10.04
C ARG B 147 -15.56 6.19 9.98
N GLU B 148 -16.14 5.95 11.15
CA GLU B 148 -17.43 5.34 11.36
C GLU B 148 -18.55 6.06 10.65
N ALA B 149 -19.21 5.33 9.74
CA ALA B 149 -20.32 5.83 8.95
C ALA B 149 -21.25 4.69 8.66
N LYS B 150 -22.53 5.03 8.46
CA LYS B 150 -23.56 4.05 8.15
C LYS B 150 -24.18 4.45 6.85
N VAL B 151 -23.99 3.58 5.84
CA VAL B 151 -24.50 3.79 4.50
C VAL B 151 -25.60 2.80 4.19
N GLN B 152 -26.83 3.30 4.01
CA GLN B 152 -27.99 2.48 3.73
C GLN B 152 -28.54 2.71 2.33
N TRP B 153 -28.95 1.61 1.69
CA TRP B 153 -29.55 1.74 0.39
C TRP B 153 -31.07 1.54 0.48
N LYS B 154 -31.79 2.39 -0.24
CA LYS B 154 -33.24 2.32 -0.41
C LYS B 154 -33.54 2.36 -1.88
N VAL B 155 -34.32 1.36 -2.31
CA VAL B 155 -34.71 1.13 -3.69
C VAL B 155 -36.23 1.16 -3.64
N ASP B 156 -36.83 2.20 -4.27
CA ASP B 156 -38.28 2.42 -4.22
C ASP B 156 -38.78 2.38 -2.75
N ASN B 157 -37.99 3.01 -1.88
CA ASN B 157 -38.19 3.17 -0.43
C ASN B 157 -38.10 1.87 0.39
N ALA B 158 -37.50 0.82 -0.18
CA ALA B 158 -37.28 -0.42 0.55
C ALA B 158 -35.79 -0.54 0.92
N LEU B 159 -35.51 -0.84 2.20
CA LEU B 159 -34.15 -0.98 2.71
C LEU B 159 -33.48 -2.25 2.20
N GLN B 160 -32.26 -2.15 1.71
CA GLN B 160 -31.50 -3.28 1.18
C GLN B 160 -30.46 -3.78 2.18
N SER B 161 -30.14 -5.08 2.10
CA SER B 161 -29.12 -5.76 2.92
C SER B 161 -28.46 -6.82 2.08
N GLY B 162 -27.21 -7.13 2.42
CA GLY B 162 -26.40 -8.17 1.82
C GLY B 162 -26.05 -8.05 0.34
N ASN B 163 -26.51 -6.98 -0.35
CA ASN B 163 -26.18 -6.85 -1.77
C ASN B 163 -25.27 -5.64 -2.10
N SER B 164 -24.66 -5.01 -1.07
CA SER B 164 -23.76 -3.84 -1.22
C SER B 164 -22.43 -4.04 -0.49
N GLN B 165 -21.39 -3.35 -0.96
CA GLN B 165 -20.07 -3.42 -0.35
C GLN B 165 -19.42 -2.07 -0.20
N GLU B 166 -18.80 -1.82 0.98
CA GLU B 166 -18.08 -0.57 1.25
C GLU B 166 -16.59 -0.70 1.09
N SER B 167 -15.96 0.42 0.75
CA SER B 167 -14.51 0.52 0.65
C SER B 167 -14.11 1.88 1.17
N VAL B 168 -13.28 1.89 2.23
CA VAL B 168 -12.78 3.15 2.81
C VAL B 168 -11.33 3.38 2.43
N THR B 169 -10.98 4.64 2.27
CA THR B 169 -9.63 5.04 1.96
C THR B 169 -8.85 5.23 3.26
N GLU B 170 -7.53 5.36 3.10
CA GLU B 170 -6.71 5.63 4.25
C GLU B 170 -6.72 7.15 4.54
N GLN B 171 -6.43 7.50 5.81
CA GLN B 171 -6.42 8.86 6.35
C GLN B 171 -5.65 9.83 5.46
N ASP B 172 -6.11 11.07 5.36
CA ASP B 172 -5.42 11.99 4.48
C ASP B 172 -4.16 12.55 5.07
N SER B 173 -3.09 12.42 4.29
CA SER B 173 -1.78 12.97 4.62
C SER B 173 -1.83 14.45 5.00
N LYS B 174 -2.90 15.20 4.59
CA LYS B 174 -3.02 16.64 4.84
C LYS B 174 -4.23 17.07 5.71
N ASP B 175 -5.47 16.62 5.41
CA ASP B 175 -6.65 17.07 6.18
C ASP B 175 -7.12 16.03 7.17
N SER B 176 -6.43 14.87 7.15
CA SER B 176 -6.64 13.70 8.01
C SER B 176 -8.09 13.15 8.05
N THR B 177 -8.75 13.20 6.86
CA THR B 177 -10.10 12.69 6.62
C THR B 177 -10.00 11.44 5.72
N TYR B 178 -11.13 10.71 5.63
CA TYR B 178 -11.20 9.54 4.79
C TYR B 178 -12.39 9.73 3.88
N SER B 179 -12.54 8.84 2.89
CA SER B 179 -13.67 8.83 1.98
C SER B 179 -14.15 7.37 1.77
N LEU B 180 -15.34 7.20 1.71
CA LEU B 180 -15.98 5.91 1.58
C LEU B 180 -16.75 5.79 0.29
N SER B 181 -16.79 4.57 -0.32
CA SER B 181 -17.48 4.28 -1.56
C SER B 181 -18.30 3.03 -1.31
N SER B 182 -19.63 3.15 -1.28
CA SER B 182 -20.46 1.95 -1.14
C SER B 182 -21.11 1.66 -2.48
N THR B 183 -20.74 0.54 -3.08
CA THR B 183 -21.25 0.16 -4.37
C THR B 183 -22.24 -0.98 -4.15
N LEU B 184 -23.41 -0.82 -4.78
CA LEU B 184 -24.53 -1.75 -4.72
C LEU B 184 -24.69 -2.39 -6.07
N THR B 185 -24.56 -3.72 -6.11
CA THR B 185 -24.59 -4.51 -7.34
C THR B 185 -25.90 -5.32 -7.48
N LEU B 186 -26.64 -5.01 -8.58
CA LEU B 186 -27.92 -5.59 -9.01
C LEU B 186 -27.74 -6.14 -10.40
N SER B 187 -28.67 -7.02 -10.82
CA SER B 187 -28.68 -7.55 -12.18
C SER B 187 -29.25 -6.44 -13.08
N LYS B 188 -29.10 -6.58 -14.42
CA LYS B 188 -29.64 -5.59 -15.35
C LYS B 188 -31.16 -5.47 -15.19
N ALA B 189 -31.85 -6.63 -15.04
CA ALA B 189 -33.29 -6.75 -14.87
C ALA B 189 -33.73 -6.07 -13.60
N ASP B 190 -33.04 -6.41 -12.49
CA ASP B 190 -33.27 -5.92 -11.14
C ASP B 190 -33.17 -4.41 -11.06
N TYR B 191 -32.31 -3.81 -11.87
CA TYR B 191 -32.20 -2.36 -11.88
C TYR B 191 -33.36 -1.67 -12.68
N GLU B 192 -33.96 -2.40 -13.63
CA GLU B 192 -35.04 -1.85 -14.46
C GLU B 192 -36.40 -1.99 -13.79
N LYS B 193 -36.48 -2.86 -12.77
CA LYS B 193 -37.74 -3.07 -12.07
C LYS B 193 -38.06 -1.92 -11.15
N HIS B 194 -37.02 -1.20 -10.69
CA HIS B 194 -37.27 -0.05 -9.83
C HIS B 194 -36.71 1.23 -10.42
N LYS B 195 -37.17 2.39 -9.93
CA LYS B 195 -36.61 3.62 -10.50
C LYS B 195 -35.93 4.55 -9.46
N VAL B 196 -36.20 4.38 -8.15
CA VAL B 196 -35.65 5.21 -7.09
C VAL B 196 -34.45 4.54 -6.43
N TYR B 197 -33.31 5.23 -6.42
CA TYR B 197 -32.05 4.73 -5.85
C TYR B 197 -31.38 5.78 -4.98
N ALA B 198 -31.42 5.54 -3.67
CA ALA B 198 -30.95 6.46 -2.66
C ALA B 198 -30.01 5.82 -1.69
N CYS B 199 -28.97 6.57 -1.26
CA CYS B 199 -28.08 6.14 -0.20
C CYS B 199 -28.17 7.13 0.97
N GLU B 200 -28.54 6.59 2.13
CA GLU B 200 -28.73 7.28 3.42
C GLU B 200 -27.52 7.11 4.33
N VAL B 201 -26.88 8.23 4.65
CA VAL B 201 -25.65 8.27 5.43
C VAL B 201 -25.92 8.81 6.82
N THR B 202 -25.32 8.15 7.82
CA THR B 202 -25.54 8.49 9.22
C THR B 202 -24.20 8.71 9.93
N HIS B 203 -23.62 9.89 9.65
CA HIS B 203 -22.34 10.32 10.21
C HIS B 203 -22.57 11.15 11.46
N GLN B 204 -21.49 11.44 12.21
CA GLN B 204 -21.48 12.31 13.39
C GLN B 204 -21.39 13.78 12.91
N GLY B 205 -20.79 13.97 11.72
CA GLY B 205 -20.67 15.25 10.99
C GLY B 205 -22.05 15.82 10.75
N LEU B 206 -22.93 15.05 10.09
CA LEU B 206 -24.32 15.42 9.84
C LEU B 206 -25.20 15.03 11.05
N SER B 207 -26.14 15.92 11.43
CA SER B 207 -27.11 15.72 12.52
C SER B 207 -28.23 14.82 11.95
N SER B 208 -29.05 15.35 11.04
CA SER B 208 -30.10 14.59 10.35
C SER B 208 -29.42 13.71 9.27
N PRO B 209 -29.67 12.36 9.21
CA PRO B 209 -29.03 11.54 8.16
C PRO B 209 -29.39 12.04 6.79
N VAL B 210 -28.36 12.19 5.95
CA VAL B 210 -28.48 12.70 4.60
C VAL B 210 -28.73 11.60 3.60
N THR B 211 -29.65 11.90 2.69
CA THR B 211 -30.08 11.03 1.61
C THR B 211 -29.90 11.75 0.29
N LYS B 212 -29.41 11.01 -0.67
CA LYS B 212 -29.24 11.51 -2.02
C LYS B 212 -29.65 10.39 -2.95
N SER B 213 -30.74 10.64 -3.73
CA SER B 213 -31.41 9.70 -4.63
C SER B 213 -31.47 10.18 -6.07
N PHE B 214 -31.63 9.22 -7.00
CA PHE B 214 -31.80 9.47 -8.41
C PHE B 214 -32.93 8.58 -8.89
N ASN B 215 -33.73 9.12 -9.84
CA ASN B 215 -34.86 8.41 -10.46
C ASN B 215 -34.54 8.05 -11.90
N ARG B 216 -34.44 6.71 -12.17
CA ARG B 216 -34.16 6.02 -13.44
C ARG B 216 -34.26 4.47 -13.28
N GLY B 217 -35.00 3.83 -14.18
CA GLY B 217 -35.19 2.37 -14.19
C GLY B 217 -34.07 1.64 -14.90
#